data_3BZB
#
_entry.id   3BZB
#
_cell.length_a   103.783
_cell.length_b   103.783
_cell.length_c   105.385
_cell.angle_alpha   90.000
_cell.angle_beta   90.000
_cell.angle_gamma   120.000
#
_symmetry.space_group_name_H-M   'P 31 2 1'
#
loop_
_entity.id
_entity.type
_entity.pdbx_description
1 polymer 'Uncharacterized protein'
2 water water
#
_entity_poly.entity_id   1
_entity_poly.type   'polypeptide(L)'
_entity_poly.pdbx_seq_one_letter_code
;SNSRAADQLELDGLPGTPPDFYRERQRSRVERYQSPAGAPLQCSVQVQTTQEHPLWTSHVWSGARALADTLCWQPELIAG
KTVCELGAGAGLVSIVAFLAGADQVVATDYPDPEILNSLESNIREHTANSCSSETVKRASPKVVPYRWGDSPDSLQRCTG
LQRFQVVLLADLLSFHQAHDALLRSVK(MSE)LLALPANDPTAVALVTFTHHRPHLAERDLAFFRLVNADGALIAEPWLS
PLQ(MSE)DP(MSE)FPDDPGDVCIRGQVHRWRLRWRSAASASANIPAHARNE
;
_entity_poly.pdbx_strand_id   A,B
#
# COMPACT_ATOMS: atom_id res chain seq x y z
N ARG A 29 -11.79 -10.59 -30.99
CA ARG A 29 -11.13 -11.92 -31.12
C ARG A 29 -10.56 -12.42 -29.79
N VAL A 30 -11.25 -13.38 -29.20
CA VAL A 30 -10.83 -13.95 -27.91
C VAL A 30 -9.81 -15.07 -28.09
N GLU A 31 -8.59 -14.82 -27.61
CA GLU A 31 -7.54 -15.82 -27.55
C GLU A 31 -7.58 -16.52 -26.19
N ARG A 32 -7.62 -17.84 -26.21
CA ARG A 32 -7.71 -18.64 -24.97
C ARG A 32 -6.34 -19.21 -24.58
N TYR A 33 -6.07 -19.26 -23.29
CA TYR A 33 -4.81 -19.81 -22.80
C TYR A 33 -5.01 -20.68 -21.57
N GLN A 34 -4.31 -21.81 -21.55
CA GLN A 34 -4.12 -22.57 -20.31
C GLN A 34 -2.70 -23.11 -20.19
N SER A 35 -2.22 -23.16 -18.94
CA SER A 35 -0.87 -23.63 -18.61
C SER A 35 -0.59 -25.05 -19.13
N PRO A 36 0.70 -25.41 -19.27
CA PRO A 36 1.03 -26.75 -19.80
C PRO A 36 0.79 -27.85 -18.79
N ALA A 37 0.78 -29.09 -19.27
CA ALA A 37 0.68 -30.26 -18.41
C ALA A 37 1.86 -30.29 -17.43
N GLY A 38 1.61 -30.81 -16.23
CA GLY A 38 2.64 -30.95 -15.19
C GLY A 38 3.24 -29.64 -14.72
N ALA A 39 2.39 -28.69 -14.39
CA ALA A 39 2.83 -27.40 -13.86
C ALA A 39 2.16 -27.13 -12.51
N PRO A 40 2.95 -26.64 -11.52
CA PRO A 40 2.36 -26.25 -10.24
C PRO A 40 1.45 -25.03 -10.35
N GLN A 42 -1.90 -23.50 -12.83
CA GLN A 42 -2.94 -24.39 -13.31
C GLN A 42 -4.30 -23.69 -13.48
N CYS A 43 -4.42 -22.89 -14.53
CA CYS A 43 -5.65 -22.15 -14.82
C CYS A 43 -5.79 -21.78 -16.31
N SER A 44 -7.03 -21.64 -16.76
CA SER A 44 -7.32 -21.18 -18.12
C SER A 44 -7.78 -19.73 -18.14
N VAL A 45 -7.29 -18.99 -19.13
CA VAL A 45 -7.56 -17.56 -19.25
C VAL A 45 -8.17 -17.25 -20.62
N GLN A 46 -9.25 -16.46 -20.61
CA GLN A 46 -9.92 -15.97 -21.81
C GLN A 46 -9.85 -14.43 -21.87
N VAL A 47 -9.23 -13.88 -22.92
CA VAL A 47 -9.03 -12.43 -23.02
C VAL A 47 -9.41 -11.83 -24.37
N GLN A 48 -9.98 -10.63 -24.33
CA GLN A 48 -10.26 -9.86 -25.53
C GLN A 48 -8.96 -9.28 -26.12
N THR A 49 -8.84 -9.30 -27.46
CA THR A 49 -7.67 -8.73 -28.13
C THR A 49 -8.06 -7.61 -29.10
N THR A 50 -7.20 -6.58 -29.20
CA THR A 50 -7.39 -5.48 -30.14
C THR A 50 -6.19 -5.35 -31.08
N SER A 62 2.46 -14.50 -27.97
CA SER A 62 3.38 -15.53 -28.44
C SER A 62 4.48 -15.81 -27.41
N GLY A 63 5.36 -14.82 -27.21
CA GLY A 63 6.35 -14.85 -26.14
C GLY A 63 5.64 -14.51 -24.85
N ALA A 64 4.43 -13.96 -24.99
CA ALA A 64 3.56 -13.76 -23.84
C ALA A 64 3.20 -15.12 -23.27
N ARG A 65 2.79 -16.05 -24.15
CA ARG A 65 2.53 -17.45 -23.80
C ARG A 65 3.76 -18.14 -23.22
N ALA A 66 4.92 -17.81 -23.78
CA ALA A 66 6.20 -18.37 -23.34
C ALA A 66 6.60 -17.87 -21.96
N LEU A 67 6.54 -16.56 -21.75
CA LEU A 67 6.82 -16.01 -20.43
C LEU A 67 5.82 -16.57 -19.42
N ALA A 68 4.55 -16.67 -19.82
CA ALA A 68 3.53 -17.30 -18.99
C ALA A 68 3.93 -18.73 -18.65
N ASP A 69 4.13 -19.55 -19.69
CA ASP A 69 4.54 -20.95 -19.53
C ASP A 69 5.60 -21.11 -18.44
N THR A 70 6.66 -20.31 -18.53
CA THR A 70 7.75 -20.31 -17.55
C THR A 70 7.25 -20.06 -16.15
N LEU A 71 6.40 -19.04 -16.00
CA LEU A 71 5.88 -18.64 -14.70
C LEU A 71 5.08 -19.74 -14.00
N CYS A 72 4.41 -20.58 -14.79
CA CYS A 72 3.66 -21.71 -14.22
C CYS A 72 4.57 -22.83 -13.73
N TRP A 73 5.62 -23.12 -14.51
CA TRP A 73 6.64 -24.11 -14.15
C TRP A 73 7.48 -23.66 -12.95
N GLN A 74 7.84 -22.38 -12.95
CA GLN A 74 8.63 -21.78 -11.88
C GLN A 74 7.90 -20.57 -11.27
N PRO A 75 6.84 -20.83 -10.49
CA PRO A 75 6.11 -19.73 -9.84
C PRO A 75 6.97 -19.00 -8.81
N GLU A 76 7.92 -19.72 -8.22
CA GLU A 76 8.85 -19.16 -7.24
C GLU A 76 9.75 -18.04 -7.80
N LEU A 77 9.69 -17.84 -9.11
CA LEU A 77 10.32 -16.67 -9.74
C LEU A 77 9.67 -15.36 -9.26
N ILE A 78 8.36 -15.41 -9.04
CA ILE A 78 7.58 -14.21 -8.76
C ILE A 78 6.73 -14.31 -7.49
N ALA A 79 6.68 -15.48 -6.87
CA ALA A 79 5.96 -15.64 -5.61
C ALA A 79 6.40 -14.61 -4.56
N GLY A 80 5.45 -13.77 -4.13
CA GLY A 80 5.68 -12.78 -3.07
C GLY A 80 6.55 -11.60 -3.50
N LYS A 81 6.81 -11.50 -4.81
CA LYS A 81 7.64 -10.46 -5.37
C LYS A 81 6.78 -9.28 -5.85
N THR A 82 7.41 -8.11 -6.04
CA THR A 82 6.74 -7.00 -6.70
C THR A 82 7.02 -7.09 -8.20
N VAL A 83 5.97 -6.99 -9.02
CA VAL A 83 6.07 -7.26 -10.46
C VAL A 83 5.53 -6.12 -11.32
N CYS A 84 6.29 -5.77 -12.35
CA CYS A 84 5.87 -4.74 -13.27
C CYS A 84 5.96 -5.23 -14.68
N GLU A 85 4.85 -5.17 -15.43
CA GLU A 85 4.85 -5.61 -16.82
C GLU A 85 4.85 -4.44 -17.80
N LEU A 86 5.83 -4.43 -18.68
CA LEU A 86 5.94 -3.41 -19.69
C LEU A 86 5.21 -3.89 -20.93
N GLY A 87 4.43 -3.00 -21.54
CA GLY A 87 3.56 -3.37 -22.65
C GLY A 87 2.79 -4.64 -22.35
N ALA A 88 1.97 -4.61 -21.30
CA ALA A 88 1.19 -5.77 -20.85
C ALA A 88 0.20 -6.32 -21.88
N GLY A 89 -0.04 -5.58 -22.96
CA GLY A 89 -0.95 -6.00 -24.03
C GLY A 89 -2.32 -6.40 -23.53
N ALA A 90 -2.76 -7.62 -23.86
CA ALA A 90 -4.04 -8.13 -23.39
C ALA A 90 -4.07 -8.43 -21.88
N GLY A 91 -2.90 -8.66 -21.29
CA GLY A 91 -2.76 -8.80 -19.85
C GLY A 91 -2.47 -10.21 -19.36
N LEU A 92 -2.15 -11.11 -20.29
CA LEU A 92 -1.96 -12.52 -19.93
C LEU A 92 -0.94 -12.71 -18.80
N VAL A 93 0.30 -12.27 -19.04
CA VAL A 93 1.40 -12.52 -18.11
C VAL A 93 1.14 -11.93 -16.74
N SER A 94 0.52 -10.75 -16.72
CA SER A 94 0.16 -10.09 -15.46
C SER A 94 -0.88 -10.89 -14.68
N ILE A 95 -1.87 -11.44 -15.39
CA ILE A 95 -2.87 -12.31 -14.78
C ILE A 95 -2.20 -13.54 -14.18
N VAL A 96 -1.34 -14.20 -14.96
CA VAL A 96 -0.60 -15.35 -14.45
C VAL A 96 0.25 -14.95 -13.26
N ALA A 97 1.00 -13.86 -13.40
CA ALA A 97 1.81 -13.34 -12.31
C ALA A 97 0.99 -13.22 -11.02
N PHE A 98 -0.19 -12.63 -11.14
CA PHE A 98 -1.12 -12.52 -10.01
C PHE A 98 -1.43 -13.91 -9.45
N LEU A 99 -1.99 -14.78 -10.28
CA LEU A 99 -2.37 -16.14 -9.88
C LEU A 99 -1.22 -16.92 -9.26
N ALA A 100 0.00 -16.46 -9.50
CA ALA A 100 1.20 -17.11 -8.94
C ALA A 100 1.57 -16.59 -7.55
N GLY A 101 0.84 -15.58 -7.07
CA GLY A 101 1.02 -15.07 -5.72
C GLY A 101 2.07 -13.98 -5.58
N ALA A 102 2.17 -13.10 -6.57
CA ALA A 102 2.95 -11.89 -6.44
C ALA A 102 2.26 -11.01 -5.39
N ASP A 103 3.00 -10.16 -4.67
CA ASP A 103 2.32 -9.32 -3.67
C ASP A 103 1.80 -8.00 -4.26
N GLN A 104 2.31 -7.67 -5.46
CA GLN A 104 1.77 -6.59 -6.29
C GLN A 104 2.16 -6.77 -7.76
N VAL A 105 1.16 -6.68 -8.62
CA VAL A 105 1.37 -6.64 -10.05
C VAL A 105 0.93 -5.28 -10.55
N VAL A 106 1.83 -4.58 -11.22
CA VAL A 106 1.53 -3.33 -11.87
C VAL A 106 1.67 -3.60 -13.36
N ALA A 107 0.55 -3.79 -14.04
CA ALA A 107 0.56 -4.00 -15.48
C ALA A 107 0.48 -2.66 -16.17
N THR A 108 1.35 -2.41 -17.15
CA THR A 108 1.35 -1.12 -17.84
C THR A 108 1.29 -1.25 -19.34
N ASP A 109 0.72 -0.24 -19.99
CA ASP A 109 0.84 -0.10 -21.42
C ASP A 109 0.74 1.37 -21.80
N TYR A 110 0.80 1.68 -23.09
CA TYR A 110 0.87 3.05 -23.57
C TYR A 110 -0.42 3.78 -23.22
N PRO A 111 -0.34 5.07 -22.85
CA PRO A 111 -1.54 5.80 -22.44
C PRO A 111 -2.52 5.94 -23.61
N ASP A 112 -3.31 4.88 -23.82
CA ASP A 112 -4.34 4.80 -24.84
C ASP A 112 -5.55 4.14 -24.19
N PRO A 113 -6.66 4.90 -24.01
CA PRO A 113 -7.92 4.44 -23.40
C PRO A 113 -8.38 3.08 -23.89
N GLU A 114 -8.44 2.89 -25.21
CA GLU A 114 -8.88 1.61 -25.79
C GLU A 114 -8.12 0.43 -25.18
N ILE A 115 -6.79 0.51 -25.17
CA ILE A 115 -5.96 -0.62 -24.77
C ILE A 115 -5.92 -0.80 -23.24
N LEU A 116 -5.81 0.31 -22.52
CA LEU A 116 -5.81 0.28 -21.05
C LEU A 116 -7.12 -0.24 -20.47
N ASN A 117 -8.26 0.26 -20.97
CA ASN A 117 -9.58 -0.20 -20.51
C ASN A 117 -9.76 -1.70 -20.64
N SER A 118 -9.37 -2.27 -21.78
CA SER A 118 -9.52 -3.71 -21.98
C SER A 118 -8.43 -4.51 -21.26
N LEU A 119 -7.22 -3.96 -21.17
CA LEU A 119 -6.22 -4.50 -20.25
C LEU A 119 -6.82 -4.70 -18.86
N GLU A 120 -7.44 -3.64 -18.34
CA GLU A 120 -8.03 -3.70 -17.02
C GLU A 120 -9.25 -4.61 -16.98
N SER A 121 -10.09 -4.54 -18.01
CA SER A 121 -11.25 -5.41 -18.11
C SER A 121 -10.86 -6.89 -18.04
N ASN A 122 -9.79 -7.24 -18.76
CA ASN A 122 -9.24 -8.59 -18.77
C ASN A 122 -8.63 -8.98 -17.44
N ILE A 123 -7.86 -8.09 -16.85
CA ILE A 123 -7.21 -8.36 -15.57
C ILE A 123 -8.24 -8.49 -14.43
N ARG A 124 -9.25 -7.64 -14.45
CA ARG A 124 -10.28 -7.67 -13.43
C ARG A 124 -11.08 -8.96 -13.52
N GLU A 125 -11.42 -9.37 -14.74
CA GLU A 125 -12.20 -10.59 -14.99
C GLU A 125 -11.53 -11.89 -14.54
N HIS A 126 -10.31 -11.80 -14.01
CA HIS A 126 -9.61 -12.98 -13.49
C HIS A 126 -8.97 -12.69 -12.13
N THR A 127 -9.66 -11.88 -11.33
CA THR A 127 -9.17 -11.42 -10.04
C THR A 127 -10.31 -11.27 -9.02
N ALA A 128 -10.39 -12.21 -8.09
CA ALA A 128 -11.46 -12.22 -7.07
C ALA A 128 -10.87 -12.17 -5.65
N ALA A 139 -5.45 -7.96 -2.75
CA ALA A 139 -4.56 -6.94 -3.27
C ALA A 139 -4.48 -7.00 -4.79
N SER A 140 -5.51 -6.45 -5.45
CA SER A 140 -5.66 -6.61 -6.89
C SER A 140 -4.59 -5.85 -7.66
N PRO A 141 -4.22 -6.36 -8.84
CA PRO A 141 -3.21 -5.71 -9.65
C PRO A 141 -3.72 -4.35 -10.12
N LYS A 142 -2.80 -3.45 -10.41
CA LYS A 142 -3.12 -2.12 -10.89
C LYS A 142 -2.71 -2.02 -12.34
N VAL A 143 -3.52 -1.30 -13.11
CA VAL A 143 -3.20 -0.99 -14.49
C VAL A 143 -2.88 0.50 -14.62
N VAL A 144 -1.67 0.80 -15.09
CA VAL A 144 -1.17 2.16 -15.08
C VAL A 144 -0.59 2.46 -16.46
N PRO A 145 -0.85 3.67 -17.02
CA PRO A 145 -0.23 3.99 -18.30
C PRO A 145 1.23 4.29 -18.09
N TYR A 146 2.06 3.95 -19.06
CA TYR A 146 3.49 4.24 -18.97
C TYR A 146 4.14 4.17 -20.33
N ARG A 147 4.76 5.27 -20.72
CA ARG A 147 5.47 5.32 -21.98
C ARG A 147 6.93 4.97 -21.70
N TRP A 148 7.48 4.04 -22.47
CA TRP A 148 8.86 3.64 -22.28
C TRP A 148 9.79 4.86 -22.35
N GLY A 149 10.66 4.97 -21.34
CA GLY A 149 11.62 6.06 -21.28
C GLY A 149 11.25 7.22 -20.37
N ASP A 150 9.96 7.38 -20.09
CA ASP A 150 9.46 8.43 -19.20
C ASP A 150 9.87 8.19 -17.75
N SER A 151 10.20 9.25 -17.03
CA SER A 151 10.46 9.13 -15.58
C SER A 151 9.22 8.49 -14.96
N PRO A 152 9.41 7.51 -14.08
CA PRO A 152 8.25 6.77 -13.58
C PRO A 152 7.54 7.44 -12.39
N ASP A 153 7.76 8.73 -12.19
CA ASP A 153 7.21 9.44 -11.02
C ASP A 153 5.74 9.18 -10.82
N SER A 154 4.96 9.32 -11.89
CA SER A 154 3.52 9.12 -11.81
C SER A 154 3.15 7.66 -11.54
N LEU A 155 3.91 6.74 -12.13
CA LEU A 155 3.70 5.31 -11.88
C LEU A 155 4.01 4.98 -10.44
N GLN A 156 5.06 5.60 -9.92
CA GLN A 156 5.45 5.41 -8.54
C GLN A 156 4.48 6.12 -7.57
N ARG A 157 3.80 7.15 -8.06
CA ARG A 157 2.75 7.84 -7.32
C ARG A 157 1.50 6.94 -7.19
N CYS A 158 1.14 6.29 -8.28
CA CYS A 158 -0.11 5.52 -8.41
C CYS A 158 -0.13 4.18 -7.71
N THR A 159 1.05 3.62 -7.52
CA THR A 159 1.19 2.26 -7.06
C THR A 159 1.86 2.23 -5.70
N GLY A 160 2.66 3.25 -5.43
CA GLY A 160 3.37 3.36 -4.16
C GLY A 160 4.75 2.74 -4.20
N LEU A 161 5.03 2.01 -5.28
CA LEU A 161 6.34 1.37 -5.47
C LEU A 161 7.29 2.26 -6.25
N GLN A 162 8.53 2.37 -5.75
CA GLN A 162 9.59 3.06 -6.49
C GLN A 162 10.15 2.14 -7.59
N ARG A 163 10.60 0.96 -7.18
CA ARG A 163 11.18 -0.01 -8.09
C ARG A 163 10.55 -1.40 -7.91
N PHE A 164 11.00 -2.37 -8.70
CA PHE A 164 10.33 -3.66 -8.73
C PHE A 164 11.34 -4.82 -8.72
N GLN A 165 10.99 -5.87 -7.97
CA GLN A 165 11.80 -7.08 -7.87
C GLN A 165 11.85 -7.87 -9.18
N VAL A 166 10.69 -8.08 -9.80
CA VAL A 166 10.62 -8.72 -11.12
C VAL A 166 10.00 -7.74 -12.12
N VAL A 167 10.57 -7.67 -13.32
CA VAL A 167 10.07 -6.80 -14.39
C VAL A 167 9.88 -7.68 -15.61
N LEU A 168 8.68 -7.69 -16.17
CA LEU A 168 8.36 -8.64 -17.23
C LEU A 168 8.29 -7.99 -18.60
N LEU A 169 9.04 -8.52 -19.55
CA LEU A 169 9.02 -7.97 -20.92
C LEU A 169 8.74 -9.03 -21.97
N ALA A 170 7.47 -9.40 -22.13
CA ALA A 170 7.04 -10.31 -23.19
C ALA A 170 6.93 -9.61 -24.55
N ASP A 171 7.68 -10.11 -25.54
CA ASP A 171 7.50 -9.72 -26.95
C ASP A 171 7.57 -8.24 -27.28
N LEU A 172 8.40 -7.48 -26.57
CA LEU A 172 8.53 -6.04 -26.82
C LEU A 172 9.66 -5.65 -27.76
N LEU A 173 10.26 -6.62 -28.44
CA LEU A 173 11.54 -6.38 -29.10
C LEU A 173 11.49 -6.07 -30.60
N SER A 174 10.33 -6.27 -31.22
CA SER A 174 10.19 -6.08 -32.68
C SER A 174 10.57 -4.69 -33.17
N PHE A 175 10.13 -3.65 -32.47
CA PHE A 175 10.46 -2.28 -32.88
C PHE A 175 11.75 -1.78 -32.22
N HIS A 176 12.81 -1.73 -33.05
CA HIS A 176 14.16 -1.34 -32.65
C HIS A 176 14.29 0.08 -32.14
N GLN A 177 13.58 1.01 -32.75
CA GLN A 177 13.67 2.42 -32.40
C GLN A 177 13.21 2.66 -30.98
N ALA A 178 12.74 1.59 -30.35
CA ALA A 178 12.25 1.65 -28.99
C ALA A 178 13.17 0.94 -28.02
N HIS A 179 14.23 0.31 -28.54
CA HIS A 179 15.13 -0.46 -27.68
C HIS A 179 15.80 0.38 -26.60
N ASP A 180 16.19 1.60 -26.95
CA ASP A 180 16.80 2.51 -25.99
C ASP A 180 15.82 2.85 -24.87
N ALA A 181 14.63 3.36 -25.23
CA ALA A 181 13.63 3.71 -24.22
C ALA A 181 13.25 2.52 -23.34
N LEU A 182 13.30 1.32 -23.91
CA LEU A 182 13.04 0.11 -23.13
C LEU A 182 14.15 -0.09 -22.11
N LEU A 183 15.40 -0.01 -22.58
CA LEU A 183 16.55 -0.13 -21.69
C LEU A 183 16.45 0.84 -20.51
N ARG A 184 16.29 2.13 -20.82
CA ARG A 184 16.19 3.15 -19.79
C ARG A 184 15.05 2.89 -18.81
N SER A 185 13.92 2.39 -19.35
CA SER A 185 12.79 1.98 -18.53
C SER A 185 13.21 0.95 -17.50
N VAL A 186 13.93 -0.09 -17.95
CA VAL A 186 14.35 -1.15 -17.05
C VAL A 186 15.32 -0.62 -15.99
N LYS A 187 16.30 0.17 -16.45
CA LYS A 187 17.21 0.88 -15.56
C LYS A 187 16.48 1.68 -14.47
N MSE A 188 15.32 2.23 -14.80
CA MSE A 188 14.57 3.04 -13.84
C MSE A 188 13.59 2.26 -12.98
O MSE A 188 13.21 2.72 -11.89
CB MSE A 188 13.86 4.22 -14.52
CG MSE A 188 14.82 5.23 -15.08
SE MSE A 188 13.81 6.54 -16.05
CE MSE A 188 14.01 8.08 -14.81
N LEU A 189 13.18 1.10 -13.47
CA LEU A 189 12.13 0.35 -12.79
C LEU A 189 12.64 -0.83 -11.99
N LEU A 190 13.79 -1.38 -12.38
CA LEU A 190 14.35 -2.56 -11.70
C LEU A 190 14.95 -2.20 -10.36
N ALA A 191 14.67 -3.03 -9.36
CA ALA A 191 15.18 -2.82 -8.01
C ALA A 191 16.70 -2.82 -7.97
N LEU A 192 17.25 -1.83 -7.28
CA LEU A 192 18.69 -1.68 -7.11
C LEU A 192 19.29 -2.79 -6.22
N PRO A 193 20.47 -3.32 -6.61
CA PRO A 193 21.17 -4.39 -5.90
C PRO A 193 21.32 -4.14 -4.40
N ALA A 194 21.59 -2.89 -4.01
CA ALA A 194 21.71 -2.52 -2.60
C ALA A 194 20.58 -3.12 -1.77
N ASN A 195 19.35 -2.97 -2.24
CA ASN A 195 18.18 -3.50 -1.56
C ASN A 195 17.87 -4.93 -1.98
N ASP A 196 17.69 -5.15 -3.28
CA ASP A 196 17.36 -6.49 -3.76
C ASP A 196 18.41 -7.06 -4.72
N PRO A 197 19.25 -7.97 -4.19
CA PRO A 197 20.36 -8.56 -4.93
C PRO A 197 19.87 -9.56 -5.97
N THR A 198 18.67 -10.09 -5.76
CA THR A 198 18.09 -11.10 -6.62
C THR A 198 17.10 -10.48 -7.63
N ALA A 199 17.15 -9.16 -7.76
CA ALA A 199 16.31 -8.39 -8.69
C ALA A 199 16.61 -8.75 -10.13
N VAL A 200 15.56 -8.85 -10.94
CA VAL A 200 15.68 -9.37 -12.31
C VAL A 200 14.62 -8.80 -13.27
N ALA A 201 15.01 -8.64 -14.54
CA ALA A 201 14.06 -8.34 -15.62
C ALA A 201 14.00 -9.53 -16.59
N LEU A 202 12.82 -10.10 -16.80
CA LEU A 202 12.68 -11.31 -17.63
C LEU A 202 12.19 -10.99 -19.03
N VAL A 203 13.07 -11.22 -20.01
CA VAL A 203 12.81 -10.77 -21.37
C VAL A 203 12.61 -11.95 -22.29
N THR A 204 11.45 -12.00 -22.91
CA THR A 204 11.12 -13.10 -23.80
C THR A 204 10.75 -12.54 -25.18
N PHE A 205 11.08 -13.28 -26.25
CA PHE A 205 10.84 -12.79 -27.62
C PHE A 205 10.79 -13.91 -28.66
N THR A 206 10.14 -13.61 -29.79
CA THR A 206 9.86 -14.60 -30.85
C THR A 206 10.74 -14.43 -32.12
N HIS A 207 11.40 -15.51 -32.54
CA HIS A 207 12.36 -15.50 -33.67
C HIS A 207 11.67 -15.33 -35.03
N ASP A 216 17.77 -7.45 -34.07
CA ASP A 216 17.71 -8.85 -33.69
C ASP A 216 17.91 -8.97 -32.17
N LEU A 217 18.98 -9.67 -31.78
CA LEU A 217 19.44 -9.71 -30.39
C LEU A 217 20.07 -8.37 -30.03
N ALA A 218 20.04 -7.45 -30.99
CA ALA A 218 20.64 -6.13 -30.86
C ALA A 218 20.21 -5.41 -29.59
N PHE A 219 18.99 -5.68 -29.11
CA PHE A 219 18.54 -5.08 -27.87
C PHE A 219 19.55 -5.39 -26.77
N PHE A 220 19.98 -6.64 -26.71
CA PHE A 220 20.87 -7.06 -25.64
C PHE A 220 22.29 -6.52 -25.84
N ARG A 221 22.70 -6.44 -27.11
CA ARG A 221 23.91 -5.71 -27.49
C ARG A 221 23.86 -4.29 -26.92
N LEU A 222 22.70 -3.65 -27.09
CA LEU A 222 22.53 -2.28 -26.66
C LEU A 222 22.66 -2.20 -25.15
N VAL A 223 22.17 -3.23 -24.45
CA VAL A 223 22.22 -3.23 -22.98
C VAL A 223 23.64 -3.34 -22.48
N ASN A 224 24.39 -4.30 -23.03
CA ASN A 224 25.75 -4.52 -22.60
C ASN A 224 26.71 -3.39 -22.96
N ALA A 225 26.52 -2.78 -24.13
CA ALA A 225 27.33 -1.61 -24.53
C ALA A 225 27.19 -0.48 -23.50
N ASP A 226 25.95 -0.21 -23.10
CA ASP A 226 25.63 0.60 -21.93
C ASP A 226 25.90 -0.27 -20.71
N GLY A 227 27.02 -0.07 -20.04
CA GLY A 227 27.45 -1.06 -19.06
C GLY A 227 26.78 -1.11 -17.70
N ALA A 228 25.60 -0.50 -17.57
CA ALA A 228 24.90 -0.44 -16.28
C ALA A 228 24.25 -1.77 -15.92
N LEU A 229 23.35 -2.24 -16.78
CA LEU A 229 22.75 -3.56 -16.63
C LEU A 229 23.61 -4.55 -17.40
N ILE A 230 23.28 -5.83 -17.26
CA ILE A 230 23.97 -6.87 -18.02
C ILE A 230 22.97 -7.92 -18.52
N ALA A 231 23.04 -8.18 -19.82
CA ALA A 231 22.05 -9.01 -20.51
C ALA A 231 22.62 -10.38 -20.84
N GLU A 232 22.06 -11.41 -20.22
CA GLU A 232 22.51 -12.78 -20.41
C GLU A 232 21.35 -13.64 -20.88
N PRO A 233 21.62 -14.72 -21.63
CA PRO A 233 20.62 -15.78 -21.81
C PRO A 233 20.18 -16.34 -20.46
N TRP A 234 19.03 -17.00 -20.41
CA TRP A 234 18.44 -17.39 -19.15
C TRP A 234 17.89 -18.82 -19.14
N LEU A 235 17.13 -19.17 -20.18
CA LEU A 235 16.51 -20.51 -20.29
C LEU A 235 16.45 -20.98 -21.74
N SER A 236 16.36 -22.30 -21.93
CA SER A 236 16.26 -22.91 -23.26
C SER A 236 15.02 -22.44 -24.08
N PRO A 237 15.14 -22.43 -25.43
CA PRO A 237 14.07 -21.94 -26.32
C PRO A 237 12.87 -22.90 -26.49
N LEU A 238 11.68 -22.33 -26.69
CA LEU A 238 10.46 -23.10 -26.96
C LEU A 238 10.02 -22.96 -28.42
N VAL A 257 10.76 -19.48 -29.80
CA VAL A 257 10.70 -18.34 -28.90
C VAL A 257 11.74 -18.46 -27.77
N HIS A 258 12.49 -17.38 -27.57
CA HIS A 258 13.63 -17.36 -26.67
C HIS A 258 13.30 -16.71 -25.35
N ARG A 259 14.18 -16.90 -24.36
CA ARG A 259 14.02 -16.35 -23.01
C ARG A 259 15.35 -15.84 -22.48
N TRP A 260 15.42 -14.55 -22.16
CA TRP A 260 16.64 -13.95 -21.62
C TRP A 260 16.44 -13.29 -20.25
N ARG A 261 17.44 -12.51 -19.82
CA ARG A 261 17.46 -11.98 -18.47
C ARG A 261 18.35 -10.74 -18.36
N LEU A 262 17.78 -9.66 -17.83
CA LEU A 262 18.56 -8.47 -17.47
C LEU A 262 18.72 -8.39 -15.96
N ARG A 263 19.82 -7.78 -15.53
CA ARG A 263 20.24 -7.74 -14.12
C ARG A 263 21.22 -6.59 -13.96
N TRP A 264 21.43 -6.14 -12.74
CA TRP A 264 22.45 -5.12 -12.49
C TRP A 264 23.88 -5.71 -12.43
N ARG A 265 24.88 -4.83 -12.25
CA ARG A 265 26.32 -5.19 -12.08
C ARG A 265 27.10 -5.25 -13.39
N ARG B 29 -1.89 9.82 -4.90
CA ARG B 29 -0.84 9.01 -4.19
C ARG B 29 -1.35 7.70 -3.63
N VAL B 30 -0.65 6.62 -3.91
CA VAL B 30 -0.86 5.43 -3.12
C VAL B 30 0.33 5.30 -2.18
N GLU B 31 0.07 4.80 -0.97
CA GLU B 31 1.11 4.51 -0.01
C GLU B 31 0.92 3.12 0.54
N ARG B 32 1.96 2.30 0.37
CA ARG B 32 1.92 0.93 0.87
C ARG B 32 2.41 0.88 2.30
N TYR B 33 1.79 0.01 3.10
CA TYR B 33 2.23 -0.19 4.45
C TYR B 33 2.36 -1.67 4.74
N GLN B 34 3.52 -2.06 5.24
CA GLN B 34 3.77 -3.44 5.66
C GLN B 34 3.94 -3.37 7.16
N SER B 35 3.40 -4.35 7.88
CA SER B 35 3.67 -4.37 9.32
C SER B 35 5.14 -4.77 9.52
N PRO B 36 5.75 -4.36 10.63
CA PRO B 36 7.15 -4.67 10.87
C PRO B 36 7.41 -6.18 10.88
N ALA B 37 8.50 -6.56 10.23
CA ALA B 37 8.95 -7.95 10.27
C ALA B 37 8.99 -8.45 11.73
N GLY B 38 8.44 -9.64 11.93
CA GLY B 38 8.45 -10.29 13.22
C GLY B 38 7.36 -9.87 14.19
N ALA B 39 6.57 -8.87 13.84
CA ALA B 39 5.49 -8.43 14.74
C ALA B 39 4.30 -9.41 14.75
N PRO B 40 3.70 -9.64 15.94
CA PRO B 40 2.54 -10.53 16.07
C PRO B 40 1.54 -10.38 14.94
N LEU B 41 1.09 -9.15 14.68
CA LEU B 41 0.16 -8.91 13.57
C LEU B 41 0.91 -8.65 12.27
N GLN B 42 0.69 -9.52 11.30
CA GLN B 42 1.26 -9.32 9.98
C GLN B 42 0.18 -8.88 9.00
N CYS B 43 0.40 -7.77 8.32
CA CYS B 43 -0.51 -7.32 7.26
C CYS B 43 0.10 -6.30 6.29
N SER B 44 -0.51 -6.23 5.10
CA SER B 44 -0.16 -5.27 4.08
C SER B 44 -1.38 -4.45 3.78
N VAL B 45 -1.25 -3.14 3.97
CA VAL B 45 -2.31 -2.19 3.65
C VAL B 45 -1.78 -1.26 2.56
N GLN B 46 -2.57 -1.02 1.53
CA GLN B 46 -2.28 0.12 0.66
C GLN B 46 -3.48 1.01 0.56
N VAL B 47 -3.22 2.28 0.37
CA VAL B 47 -4.13 3.31 0.81
C VAL B 47 -3.99 4.52 -0.08
N GLN B 48 -5.11 5.13 -0.46
CA GLN B 48 -5.08 6.33 -1.28
C GLN B 48 -5.10 7.59 -0.44
N THR B 49 -4.26 8.54 -0.83
CA THR B 49 -3.98 9.74 -0.05
C THR B 49 -4.54 10.97 -0.76
N THR B 50 -5.20 11.85 0.00
CA THR B 50 -5.95 12.99 -0.57
C THR B 50 -5.07 14.13 -1.10
N SER B 62 3.02 8.89 8.81
CA SER B 62 4.25 9.18 9.58
C SER B 62 4.10 8.97 11.09
N GLY B 63 3.30 9.82 11.74
CA GLY B 63 2.76 9.49 13.03
C GLY B 63 1.72 8.40 12.87
N ALA B 64 1.09 8.33 11.70
CA ALA B 64 0.18 7.25 11.42
C ALA B 64 0.96 5.91 11.30
N ARG B 65 2.06 5.92 10.55
CA ARG B 65 2.89 4.70 10.41
C ARG B 65 3.39 4.24 11.75
N ALA B 66 3.85 5.18 12.56
CA ALA B 66 4.37 4.87 13.87
C ALA B 66 3.28 4.19 14.67
N LEU B 67 2.11 4.81 14.76
CA LEU B 67 1.00 4.24 15.51
C LEU B 67 0.66 2.85 15.00
N ALA B 68 0.56 2.70 13.68
CA ALA B 68 0.27 1.41 13.07
C ALA B 68 1.30 0.36 13.48
N ASP B 69 2.59 0.72 13.42
CA ASP B 69 3.64 -0.21 13.83
C ASP B 69 3.40 -0.62 15.26
N THR B 70 3.14 0.35 16.12
CA THR B 70 2.92 0.07 17.53
C THR B 70 1.79 -0.93 17.75
N LEU B 71 0.68 -0.76 17.06
CA LEU B 71 -0.46 -1.67 17.22
C LEU B 71 -0.12 -3.06 16.71
N CYS B 72 0.66 -3.13 15.63
CA CYS B 72 1.15 -4.42 15.14
C CYS B 72 2.06 -5.15 16.13
N TRP B 73 2.92 -4.42 16.84
CA TRP B 73 3.70 -5.05 17.90
C TRP B 73 2.84 -5.36 19.12
N GLN B 74 1.73 -4.65 19.28
CA GLN B 74 0.92 -4.75 20.50
C GLN B 74 -0.60 -4.83 20.26
N PRO B 75 -1.07 -5.93 19.63
CA PRO B 75 -2.47 -5.97 19.25
C PRO B 75 -3.44 -5.94 20.42
N GLU B 76 -2.96 -6.24 21.64
CA GLU B 76 -3.79 -6.25 22.84
C GLU B 76 -4.23 -4.85 23.23
N LEU B 77 -3.63 -3.84 22.59
CA LEU B 77 -4.01 -2.45 22.83
C LEU B 77 -5.42 -2.18 22.32
N ILE B 78 -5.85 -2.93 21.32
CA ILE B 78 -7.16 -2.71 20.70
C ILE B 78 -8.00 -3.98 20.50
N ALA B 79 -7.35 -5.15 20.47
CA ALA B 79 -8.04 -6.45 20.39
C ALA B 79 -9.19 -6.52 21.36
N GLY B 80 -10.38 -6.82 20.82
CA GLY B 80 -11.61 -6.99 21.61
C GLY B 80 -12.26 -5.69 22.03
N LYS B 81 -11.65 -4.57 21.67
CA LYS B 81 -12.05 -3.28 22.19
C LYS B 81 -12.81 -2.42 21.19
N THR B 82 -13.43 -1.37 21.71
CA THR B 82 -14.25 -0.49 20.91
C THR B 82 -13.40 0.75 20.62
N VAL B 83 -13.14 0.97 19.33
CA VAL B 83 -12.08 1.89 18.86
C VAL B 83 -12.64 3.03 18.01
N CYS B 84 -12.17 4.25 18.26
CA CYS B 84 -12.55 5.41 17.45
C CYS B 84 -11.35 6.25 17.02
N GLU B 85 -11.27 6.60 15.74
CA GLU B 85 -10.16 7.43 15.28
C GLU B 85 -10.57 8.83 14.88
N LEU B 86 -9.95 9.80 15.52
CA LEU B 86 -10.12 11.20 15.16
C LEU B 86 -9.11 11.53 14.09
N GLY B 87 -9.49 12.41 13.16
CA GLY B 87 -8.65 12.81 12.03
C GLY B 87 -8.06 11.65 11.24
N ALA B 88 -8.88 10.63 10.98
CA ALA B 88 -8.41 9.36 10.42
C ALA B 88 -7.60 9.43 9.13
N GLY B 89 -7.70 10.54 8.41
CA GLY B 89 -6.92 10.74 7.19
C GLY B 89 -7.24 9.69 6.15
N ALA B 90 -6.22 8.97 5.71
CA ALA B 90 -6.39 7.90 4.74
C ALA B 90 -6.94 6.63 5.40
N GLY B 91 -6.95 6.60 6.73
CA GLY B 91 -7.49 5.47 7.48
C GLY B 91 -6.58 4.29 7.72
N LEU B 92 -5.28 4.45 7.48
CA LEU B 92 -4.32 3.39 7.79
C LEU B 92 -4.52 2.86 9.19
N VAL B 93 -4.51 3.75 10.18
CA VAL B 93 -4.58 3.31 11.58
C VAL B 93 -5.90 2.61 11.89
N SER B 94 -7.00 3.16 11.39
CA SER B 94 -8.29 2.48 11.50
C SER B 94 -8.29 1.08 10.89
N ILE B 95 -7.71 0.94 9.70
CA ILE B 95 -7.66 -0.35 9.04
C ILE B 95 -6.88 -1.35 9.89
N VAL B 96 -5.75 -0.89 10.43
CA VAL B 96 -4.89 -1.72 11.27
C VAL B 96 -5.61 -2.16 12.55
N ALA B 97 -6.35 -1.24 13.16
CA ALA B 97 -7.19 -1.58 14.31
C ALA B 97 -8.16 -2.71 13.98
N PHE B 98 -8.82 -2.65 12.84
CA PHE B 98 -9.75 -3.68 12.44
C PHE B 98 -9.03 -5.00 12.35
N LEU B 99 -7.95 -5.03 11.56
CA LEU B 99 -7.15 -6.24 11.37
C LEU B 99 -6.53 -6.75 12.67
N ALA B 100 -6.42 -5.90 13.69
CA ALA B 100 -5.93 -6.33 14.99
C ALA B 100 -7.05 -6.93 15.83
N GLY B 101 -8.25 -6.96 15.26
CA GLY B 101 -9.40 -7.60 15.88
C GLY B 101 -10.07 -6.76 16.95
N ALA B 102 -10.20 -5.46 16.71
CA ALA B 102 -11.10 -4.65 17.51
C ALA B 102 -12.51 -5.11 17.17
N ASP B 103 -13.41 -5.10 18.14
CA ASP B 103 -14.77 -5.59 17.86
C ASP B 103 -15.66 -4.52 17.23
N GLN B 104 -15.20 -3.27 17.26
CA GLN B 104 -15.81 -2.19 16.47
C GLN B 104 -14.88 -0.98 16.27
N VAL B 105 -14.79 -0.50 15.03
CA VAL B 105 -13.92 0.64 14.71
C VAL B 105 -14.71 1.75 14.02
N VAL B 106 -14.54 2.99 14.49
CA VAL B 106 -15.20 4.14 13.86
C VAL B 106 -14.16 5.17 13.36
N ALA B 107 -13.97 5.26 12.05
CA ALA B 107 -13.02 6.25 11.49
C ALA B 107 -13.73 7.58 11.23
N THR B 108 -13.14 8.68 11.66
CA THR B 108 -13.79 9.95 11.44
C THR B 108 -12.83 10.97 10.86
N ASP B 109 -13.36 11.87 10.04
CA ASP B 109 -12.64 13.07 9.63
C ASP B 109 -13.61 14.23 9.40
N TYR B 110 -13.08 15.38 8.98
CA TYR B 110 -13.89 16.57 8.76
C TYR B 110 -14.90 16.33 7.63
N PRO B 111 -16.14 16.86 7.76
CA PRO B 111 -17.09 16.72 6.65
C PRO B 111 -16.64 17.40 5.35
N ASP B 112 -15.88 16.65 4.55
CA ASP B 112 -15.46 17.09 3.23
C ASP B 112 -15.54 15.86 2.32
N PRO B 113 -16.28 15.96 1.21
CA PRO B 113 -16.53 14.76 0.42
C PRO B 113 -15.25 14.04 0.00
N GLU B 114 -14.24 14.79 -0.44
CA GLU B 114 -13.00 14.19 -0.91
C GLU B 114 -12.29 13.37 0.15
N ILE B 115 -12.20 13.92 1.37
CA ILE B 115 -11.61 13.19 2.48
C ILE B 115 -12.46 11.96 2.82
N LEU B 116 -13.74 12.18 3.09
CA LEU B 116 -14.64 11.10 3.47
C LEU B 116 -14.76 10.00 2.41
N ASN B 117 -14.67 10.35 1.13
CA ASN B 117 -14.87 9.34 0.12
C ASN B 117 -13.72 8.36 0.02
N SER B 118 -12.49 8.86 -0.03
CA SER B 118 -11.33 7.97 -0.13
C SER B 118 -11.12 7.18 1.14
N LEU B 119 -11.44 7.78 2.27
CA LEU B 119 -11.42 7.07 3.54
C LEU B 119 -12.35 5.85 3.51
N GLU B 120 -13.60 6.05 3.09
CA GLU B 120 -14.50 4.93 2.87
C GLU B 120 -13.86 3.92 1.92
N SER B 121 -13.46 4.38 0.74
CA SER B 121 -12.97 3.45 -0.27
C SER B 121 -11.68 2.71 0.15
N ASN B 122 -10.85 3.34 0.98
CA ASN B 122 -9.71 2.65 1.59
C ASN B 122 -10.17 1.54 2.53
N ILE B 123 -11.10 1.88 3.42
CA ILE B 123 -11.60 0.92 4.40
C ILE B 123 -12.34 -0.26 3.75
N ARG B 124 -13.17 0.04 2.76
CA ARG B 124 -13.90 -0.99 2.07
C ARG B 124 -12.92 -1.98 1.42
N GLU B 125 -11.80 -1.46 0.90
CA GLU B 125 -10.81 -2.30 0.24
C GLU B 125 -10.09 -3.28 1.16
N HIS B 126 -10.26 -3.15 2.48
CA HIS B 126 -9.56 -4.03 3.43
C HIS B 126 -10.47 -4.70 4.48
N ARG B 138 -16.96 -9.79 11.10
CA ARG B 138 -18.18 -9.19 11.63
C ARG B 138 -18.24 -7.69 11.30
N ALA B 139 -18.86 -6.90 12.16
CA ALA B 139 -19.02 -5.46 11.96
C ALA B 139 -17.75 -4.81 11.41
N SER B 140 -17.84 -4.31 10.18
CA SER B 140 -16.76 -3.56 9.53
C SER B 140 -16.68 -2.12 10.05
N PRO B 141 -15.53 -1.44 9.85
CA PRO B 141 -15.41 -0.05 10.30
C PRO B 141 -16.39 0.90 9.62
N LYS B 142 -17.02 1.76 10.42
CA LYS B 142 -17.89 2.82 9.94
C LYS B 142 -17.10 4.13 9.76
N VAL B 143 -17.39 4.85 8.70
CA VAL B 143 -16.81 6.18 8.48
C VAL B 143 -17.88 7.21 8.79
N VAL B 144 -17.58 8.13 9.68
CA VAL B 144 -18.56 9.08 10.19
C VAL B 144 -17.93 10.47 10.24
N PRO B 145 -18.61 11.49 9.68
CA PRO B 145 -18.00 12.81 9.76
C PRO B 145 -17.96 13.23 11.21
N TYR B 146 -16.92 13.96 11.60
CA TYR B 146 -16.88 14.53 12.94
C TYR B 146 -15.95 15.73 13.04
N ARG B 147 -16.55 16.90 13.24
CA ARG B 147 -15.81 18.10 13.54
C ARG B 147 -15.46 18.10 15.03
N TRP B 148 -14.16 18.03 15.33
CA TRP B 148 -13.67 18.10 16.70
C TRP B 148 -14.37 19.22 17.47
N GLY B 149 -14.97 18.88 18.60
CA GLY B 149 -15.59 19.91 19.42
C GLY B 149 -17.10 19.91 19.35
N ASP B 150 -17.65 19.48 18.21
CA ASP B 150 -19.08 19.24 18.09
C ASP B 150 -19.47 18.10 19.02
N SER B 151 -20.72 18.06 19.45
CA SER B 151 -21.20 16.93 20.26
C SER B 151 -21.20 15.68 19.39
N PRO B 152 -20.89 14.52 19.99
CA PRO B 152 -20.76 13.28 19.21
C PRO B 152 -22.08 12.55 18.89
N ASP B 153 -23.22 13.14 19.19
CA ASP B 153 -24.52 12.48 19.01
C ASP B 153 -24.67 11.65 17.72
N SER B 154 -24.30 12.23 16.57
CA SER B 154 -24.46 11.53 15.29
C SER B 154 -23.57 10.27 15.17
N LEU B 155 -22.43 10.28 15.85
CA LEU B 155 -21.55 9.11 15.93
C LEU B 155 -22.24 7.99 16.68
N GLN B 156 -22.90 8.38 17.77
CA GLN B 156 -23.53 7.45 18.68
C GLN B 156 -24.77 6.87 18.03
N ARG B 157 -25.41 7.68 17.19
CA ARG B 157 -26.57 7.25 16.42
C ARG B 157 -26.19 6.30 15.29
N CYS B 158 -25.02 6.52 14.69
CA CYS B 158 -24.62 5.78 13.50
C CYS B 158 -24.04 4.40 13.80
N THR B 159 -23.56 4.23 15.04
CA THR B 159 -22.75 3.07 15.41
C THR B 159 -23.34 2.29 16.58
N GLY B 160 -24.18 2.96 17.39
CA GLY B 160 -24.78 2.35 18.56
C GLY B 160 -23.79 2.23 19.70
N LEU B 161 -22.99 3.28 19.88
CA LEU B 161 -21.96 3.35 20.93
C LEU B 161 -21.82 4.74 21.51
N GLN B 162 -21.96 4.85 22.82
CA GLN B 162 -21.72 6.12 23.51
C GLN B 162 -20.24 6.57 23.37
N ARG B 163 -19.36 5.92 24.14
CA ARG B 163 -17.94 6.28 24.17
C ARG B 163 -17.07 5.06 23.81
N PHE B 164 -15.76 5.26 23.78
CA PHE B 164 -14.85 4.26 23.23
C PHE B 164 -13.74 3.94 24.19
N GLN B 165 -13.31 2.69 24.17
CA GLN B 165 -12.25 2.20 25.06
C GLN B 165 -10.90 2.68 24.58
N VAL B 166 -10.76 2.77 23.26
CA VAL B 166 -9.55 3.32 22.68
C VAL B 166 -9.94 4.46 21.77
N VAL B 167 -9.24 5.57 21.87
CA VAL B 167 -9.41 6.69 20.94
C VAL B 167 -8.03 6.94 20.32
N LEU B 168 -7.96 7.04 18.99
CA LEU B 168 -6.69 7.12 18.28
C LEU B 168 -6.41 8.49 17.69
N LEU B 169 -5.27 9.07 18.03
CA LEU B 169 -4.91 10.43 17.57
C LEU B 169 -3.53 10.45 16.94
N ALA B 170 -3.43 10.11 15.67
CA ALA B 170 -2.17 10.11 14.95
C ALA B 170 -1.91 11.45 14.24
N ASP B 171 -0.82 12.11 14.61
CA ASP B 171 -0.40 13.41 14.03
C ASP B 171 -1.48 14.50 13.92
N LEU B 172 -2.15 14.78 15.03
CA LEU B 172 -3.22 15.78 15.03
C LEU B 172 -2.89 17.06 15.79
N LEU B 173 -1.62 17.26 16.14
CA LEU B 173 -1.25 18.38 17.02
C LEU B 173 -0.57 19.57 16.35
N SER B 174 -0.29 19.49 15.05
CA SER B 174 0.53 20.54 14.43
C SER B 174 -0.17 21.90 14.25
N PHE B 175 -1.48 21.95 14.50
CA PHE B 175 -2.20 23.22 14.50
C PHE B 175 -2.79 23.55 15.87
N HIS B 176 -2.14 24.48 16.56
CA HIS B 176 -2.41 24.83 17.97
C HIS B 176 -3.86 25.24 18.28
N GLN B 177 -4.50 25.93 17.34
CA GLN B 177 -5.86 26.46 17.55
C GLN B 177 -6.92 25.36 17.67
N ALA B 178 -6.55 24.14 17.28
CA ALA B 178 -7.46 23.02 17.39
C ALA B 178 -7.22 22.12 18.61
N HIS B 179 -6.19 22.43 19.40
CA HIS B 179 -5.89 21.65 20.61
C HIS B 179 -7.08 21.54 21.56
N ASP B 180 -7.70 22.67 21.91
CA ASP B 180 -8.85 22.63 22.80
C ASP B 180 -10.00 21.79 22.22
N ALA B 181 -10.27 21.94 20.93
CA ALA B 181 -11.33 21.16 20.28
C ALA B 181 -11.07 19.66 20.46
N LEU B 182 -9.81 19.25 20.24
CA LEU B 182 -9.38 17.86 20.39
C LEU B 182 -9.60 17.34 21.81
N LEU B 183 -9.16 18.13 22.79
CA LEU B 183 -9.34 17.80 24.19
C LEU B 183 -10.82 17.53 24.51
N ARG B 184 -11.66 18.49 24.16
CA ARG B 184 -13.10 18.36 24.35
C ARG B 184 -13.68 17.14 23.61
N SER B 185 -13.12 16.79 22.45
CA SER B 185 -13.56 15.58 21.76
C SER B 185 -13.22 14.35 22.58
N VAL B 186 -11.96 14.23 22.97
CA VAL B 186 -11.47 13.07 23.71
C VAL B 186 -12.26 12.92 25.01
N LYS B 187 -12.47 14.03 25.73
CA LYS B 187 -13.31 14.02 26.94
C LYS B 187 -14.72 13.49 26.70
N MSE B 188 -15.22 13.62 25.47
CA MSE B 188 -16.58 13.19 25.14
C MSE B 188 -16.65 11.78 24.58
O MSE B 188 -17.67 11.11 24.72
CB MSE B 188 -17.24 14.16 24.15
CG MSE B 188 -17.27 15.59 24.64
SE MSE B 188 -18.29 16.74 23.46
CE MSE B 188 -20.11 16.59 24.37
N LEU B 189 -15.57 11.34 23.94
CA LEU B 189 -15.54 10.06 23.25
C LEU B 189 -14.88 8.92 24.03
N LEU B 190 -14.09 9.24 25.05
CA LEU B 190 -13.34 8.22 25.79
C LEU B 190 -14.15 7.65 26.94
N ALA B 191 -14.29 6.33 26.94
CA ALA B 191 -15.03 5.58 27.95
C ALA B 191 -14.62 5.91 29.39
N LEU B 192 -15.62 6.19 30.22
CA LEU B 192 -15.43 6.60 31.61
C LEU B 192 -14.88 5.49 32.50
N PRO B 193 -14.06 5.85 33.52
CA PRO B 193 -13.55 4.89 34.50
C PRO B 193 -14.65 4.01 35.11
N ALA B 194 -15.86 4.58 35.25
CA ALA B 194 -16.99 3.85 35.83
C ALA B 194 -17.40 2.61 35.01
N ASN B 195 -17.04 2.60 33.72
CA ASN B 195 -17.33 1.46 32.84
C ASN B 195 -16.07 0.76 32.34
N ASP B 196 -15.02 1.54 32.08
CA ASP B 196 -13.72 0.98 31.68
C ASP B 196 -12.54 1.81 32.20
N PRO B 197 -11.89 1.32 33.28
CA PRO B 197 -10.76 2.06 33.86
C PRO B 197 -9.49 1.96 33.02
N THR B 198 -9.47 0.98 32.12
CA THR B 198 -8.29 0.64 31.34
C THR B 198 -8.35 1.32 29.96
N ALA B 199 -9.27 2.28 29.83
CA ALA B 199 -9.49 3.02 28.57
C ALA B 199 -8.42 4.08 28.32
N VAL B 200 -7.90 4.12 27.10
CA VAL B 200 -6.88 5.14 26.75
C VAL B 200 -7.17 5.91 25.47
N ALA B 201 -6.59 7.11 25.38
CA ALA B 201 -6.46 7.80 24.10
C ALA B 201 -4.97 7.76 23.72
N LEU B 202 -4.66 7.17 22.58
CA LEU B 202 -3.27 7.01 22.18
C LEU B 202 -2.85 8.10 21.21
N VAL B 203 -1.89 8.92 21.62
CA VAL B 203 -1.46 10.08 20.84
C VAL B 203 -0.07 9.87 20.25
N THR B 204 0.05 10.20 18.97
CA THR B 204 1.28 10.02 18.22
C THR B 204 1.56 11.34 17.54
N PHE B 205 2.80 11.80 17.59
CA PHE B 205 3.17 13.03 16.87
C PHE B 205 4.62 13.05 16.37
N THR B 206 4.81 13.66 15.20
CA THR B 206 6.13 13.74 14.59
C THR B 206 6.82 15.01 15.06
N HIS B 207 8.14 14.94 15.16
CA HIS B 207 8.97 16.03 15.65
C HIS B 207 10.28 15.98 14.87
N HIS B 208 10.66 17.10 14.26
CA HIS B 208 11.81 17.16 13.36
C HIS B 208 13.01 17.88 13.99
N ARG B 209 13.12 17.81 15.31
CA ARG B 209 14.28 18.31 16.05
C ARG B 209 14.59 17.32 17.16
N PRO B 210 15.86 17.19 17.56
CA PRO B 210 16.19 16.21 18.59
C PRO B 210 15.52 16.44 19.95
N HIS B 211 15.36 17.69 20.35
CA HIS B 211 14.85 17.96 21.69
C HIS B 211 13.47 18.61 21.71
N LEU B 212 12.60 18.07 22.57
CA LEU B 212 11.26 18.61 22.78
C LEU B 212 11.26 19.96 23.49
N ALA B 213 10.74 20.98 22.81
CA ALA B 213 10.66 22.33 23.38
C ALA B 213 9.29 22.61 24.03
N GLU B 214 9.10 23.86 24.47
CA GLU B 214 7.85 24.31 25.06
C GLU B 214 6.61 23.98 24.20
N ARG B 215 6.50 24.65 23.05
CA ARG B 215 5.31 24.50 22.20
C ARG B 215 5.08 23.09 21.68
N ASP B 216 6.14 22.30 21.69
CA ASP B 216 6.10 20.93 21.24
C ASP B 216 5.21 20.06 22.12
N LEU B 217 5.06 20.42 23.39
CA LEU B 217 4.21 19.65 24.33
C LEU B 217 2.96 20.41 24.75
N ALA B 218 2.74 21.57 24.12
CA ALA B 218 1.64 22.46 24.42
C ALA B 218 0.31 21.72 24.59
N PHE B 219 -0.04 20.86 23.64
CA PHE B 219 -1.29 20.11 23.74
C PHE B 219 -1.40 19.37 25.08
N PHE B 220 -0.34 18.67 25.47
CA PHE B 220 -0.35 17.89 26.70
C PHE B 220 -0.40 18.74 27.97
N ARG B 221 0.32 19.86 27.99
CA ARG B 221 0.19 20.81 29.09
C ARG B 221 -1.27 21.24 29.24
N LEU B 222 -1.90 21.55 28.11
CA LEU B 222 -3.30 21.96 28.07
C LEU B 222 -4.19 20.87 28.66
N VAL B 223 -3.93 19.61 28.32
CA VAL B 223 -4.72 18.50 28.83
C VAL B 223 -4.64 18.39 30.36
N ASN B 224 -3.43 18.53 30.91
CA ASN B 224 -3.21 18.48 32.35
C ASN B 224 -3.70 19.70 33.09
N ALA B 225 -3.71 20.86 32.42
CA ALA B 225 -4.22 22.11 33.04
C ALA B 225 -5.71 21.99 33.35
N ASP B 226 -6.50 21.69 32.33
CA ASP B 226 -7.83 21.13 32.52
C ASP B 226 -7.65 19.90 33.40
N GLY B 227 -8.56 19.67 34.32
CA GLY B 227 -8.36 18.58 35.27
C GLY B 227 -8.55 17.18 34.71
N ALA B 228 -9.57 17.02 33.86
CA ALA B 228 -10.25 15.74 33.64
C ALA B 228 -9.40 14.54 33.19
N LEU B 229 -8.33 14.79 32.44
CA LEU B 229 -7.47 13.70 31.96
C LEU B 229 -6.01 13.88 32.37
N ILE B 230 -5.25 12.79 32.46
CA ILE B 230 -3.80 12.89 32.59
C ILE B 230 -3.23 12.63 31.22
N ALA B 231 -2.31 13.48 30.78
CA ALA B 231 -1.51 13.22 29.56
C ALA B 231 -0.10 12.79 29.99
N GLU B 232 0.38 11.67 29.47
CA GLU B 232 1.66 11.11 29.91
C GLU B 232 2.41 10.52 28.74
N PRO B 233 3.75 10.47 28.83
CA PRO B 233 4.53 9.66 27.89
C PRO B 233 4.07 8.21 27.98
N TRP B 234 4.01 7.53 26.84
CA TRP B 234 3.46 6.18 26.80
C TRP B 234 4.54 5.17 26.42
N LEU B 235 5.27 5.45 25.35
CA LEU B 235 6.37 4.62 24.90
C LEU B 235 7.49 5.55 24.45
N SER B 236 8.68 5.00 24.25
CA SER B 236 9.82 5.81 23.81
C SER B 236 9.67 6.21 22.34
N PRO B 237 10.29 7.33 21.93
CA PRO B 237 10.23 7.82 20.55
C PRO B 237 10.69 6.79 19.55
N LEU B 238 10.16 6.87 18.33
CA LEU B 238 10.61 6.05 17.22
C LEU B 238 11.33 6.94 16.21
N GLN B 239 12.44 6.48 15.64
CA GLN B 239 13.29 7.36 14.86
C GLN B 239 12.78 7.74 13.46
N MSE B 240 12.49 6.75 12.62
CA MSE B 240 11.85 7.01 11.31
C MSE B 240 12.76 7.83 10.39
O MSE B 240 13.76 7.33 9.87
CB MSE B 240 10.49 7.73 11.46
CG MSE B 240 9.55 7.10 12.53
SE MSE B 240 8.21 5.81 11.85
CE MSE B 240 8.66 4.21 13.02
N GLN B 256 11.98 11.62 14.43
CA GLN B 256 11.39 11.17 15.70
C GLN B 256 9.87 11.24 15.76
N VAL B 257 9.21 10.12 16.03
CA VAL B 257 7.78 10.15 16.33
C VAL B 257 7.54 9.80 17.78
N HIS B 258 7.00 10.75 18.54
CA HIS B 258 6.70 10.54 19.96
C HIS B 258 5.37 9.84 20.21
N ARG B 259 5.28 9.10 21.31
CA ARG B 259 4.13 8.26 21.60
C ARG B 259 3.63 8.49 23.00
N TRP B 260 2.51 9.21 23.07
CA TRP B 260 1.92 9.66 24.33
C TRP B 260 0.54 9.06 24.51
N ARG B 261 -0.01 9.21 25.72
CA ARG B 261 -1.35 8.73 25.95
C ARG B 261 -2.13 9.63 26.89
N LEU B 262 -3.45 9.59 26.75
CA LEU B 262 -4.38 10.27 27.66
C LEU B 262 -5.30 9.24 28.28
N ARG B 263 -5.71 9.51 29.52
CA ARG B 263 -6.71 8.71 30.21
C ARG B 263 -7.32 9.59 31.30
N TRP B 264 -8.29 9.06 32.03
CA TRP B 264 -9.03 9.88 32.99
C TRP B 264 -8.31 10.09 34.31
N ARG B 265 -8.32 11.36 34.75
CA ARG B 265 -7.90 11.83 36.11
C ARG B 265 -6.63 12.71 36.10
#